data_3BJC
#
_entry.id   3BJC
#
_cell.length_a   73.755
_cell.length_b   73.755
_cell.length_c   132.509
_cell.angle_alpha   90.00
_cell.angle_beta   90.00
_cell.angle_gamma   120.00
#
_symmetry.space_group_name_H-M   'P 31 2 1'
#
loop_
_entity.id
_entity.type
_entity.pdbx_description
1 polymer "cGMP-specific 3',5'-cyclic phosphodiesterase"
2 non-polymer 'ZINC ION'
3 non-polymer 'MAGNESIUM ION'
4 non-polymer 5-ethoxy-4-(1-methyl-7-oxo-3-propyl-6,7-dihydro-1H-pyrazolo[4,3-d]pyrimidin-5-yl)thiophene-2-sulfonamide
5 water water
#
_entity_poly.entity_id   1
_entity_poly.type   'polypeptide(L)'
_entity_poly.pdbx_seq_one_letter_code
;GSHMERAGPSFGQQRQQQQPQQQKQQQRDQDSVEAWLDDHWDFTFSYFVRKATREMVNAWFAERVHTIPVCKEGIRGHTE
SCSCPLQQSPRADNSVPGTPTRKISASEFDRPLRPIVVKDSEGTVSFLSDSEKKEQMPLTPPRFDHDEGDQCSRLLELVK
DISSHLDVTALCHKIFLHIHGLISADRYSLFLVCEDSSNDKFLISRLFDVAEGSTLEEVSNNCIRLEWNKGIVGHVAALG
EPLNIKDAYEDPRFNAEVDQITGYKTQSILCMPIKNHREEVVGVAQAINKKSGNGGTFTEKDEKDFAAYLAFCGIVLHNA
QLYETSLLENKRNQVLLDLASLIFEEQQSLEVILKKIAATIISFMQVQKCTIFIVDEDCSDSFSSVFHMECEELEKSSDT
LTREHDANKINYMYAQYVKNTMEPLNIPDVSKDKRFPWTTENTGNVNQQCIRSLLCTPIKNGKKNKVIGVCQLVNKMEEN
TGKVKPFNRNDEQFLEAFVIFCGLGIQNTQMYEAVERAMAKQMVTLEVLSYHASAAEEETRELQSLAAAVVPSAQTLKIT
DFSFSDFELSDLETALCTIRMFTDLNLVQNFQMKHEVLCRWILSVKKNYRKNVAYHNWRHAFNTAQCMFAALKAGKIQNK
LTDLEILALLIAALSHDLDHRGVNNSYIQRSEHPLAQLYCHSIMEHHHFDQCLMILNSPGNQILSGLSIEEYKTTLKIIK
QAILATDLALYIKRRGEFFELIRKNQFNLEDPHQKELFLAMLMTACDLSAITKPWPIQQRIAELVATEFFDQGDRERKEL
NIEPTDLMNREKKNKIPSMQVGFIDAICLQLYEALTHVSEDCFPLLDGCRKNRQKWQALAEQQEKMLINGESGQAKRN
;
_entity_poly.pdbx_strand_id   A
#
loop_
_chem_comp.id
_chem_comp.type
_chem_comp.name
_chem_comp.formula
MG non-polymer 'MAGNESIUM ION' 'Mg 2'
WAN non-polymer 5-ethoxy-4-(1-methyl-7-oxo-3-propyl-6,7-dihydro-1H-pyrazolo[4,3-d]pyrimidin-5-yl)thiophene-2-sulfonamide 'C15 H19 N5 O4 S2'
ZN non-polymer 'ZINC ION' 'Zn 2'
#
# COMPACT_ATOMS: atom_id res chain seq x y z
N GLU A 538 23.00 0.62 -3.97
CA GLU A 538 23.10 1.55 -2.81
C GLU A 538 24.11 2.67 -3.10
N GLU A 539 23.70 3.91 -2.83
CA GLU A 539 24.57 5.06 -3.02
C GLU A 539 24.82 5.71 -1.67
N THR A 540 26.05 5.61 -1.19
CA THR A 540 26.40 6.23 0.08
C THR A 540 26.15 7.73 -0.12
N ARG A 541 26.22 8.13 -1.39
CA ARG A 541 26.01 9.52 -1.79
C ARG A 541 24.55 9.87 -1.57
N GLU A 542 23.66 8.99 -2.02
CA GLU A 542 22.23 9.19 -1.88
C GLU A 542 21.83 9.19 -0.40
N LEU A 543 22.44 8.29 0.37
CA LEU A 543 22.17 8.18 1.80
C LEU A 543 22.62 9.43 2.54
N GLN A 544 23.86 9.84 2.28
CA GLN A 544 24.42 11.03 2.92
C GLN A 544 23.49 12.22 2.72
N SER A 545 23.02 12.39 1.49
CA SER A 545 22.13 13.48 1.13
C SER A 545 20.75 13.38 1.80
N LEU A 546 20.25 12.15 1.96
CA LEU A 546 18.94 11.96 2.57
C LEU A 546 19.02 12.16 4.08
N ALA A 547 20.06 11.60 4.69
CA ALA A 547 20.25 11.70 6.13
C ALA A 547 20.53 13.12 6.63
N ALA A 548 21.15 13.94 5.79
CA ALA A 548 21.48 15.31 6.20
C ALA A 548 20.38 16.32 5.93
N ALA A 549 19.38 15.96 5.13
CA ALA A 549 18.30 16.89 4.81
C ALA A 549 17.33 17.09 5.97
N VAL A 550 16.71 18.26 6.03
CA VAL A 550 15.72 18.53 7.06
C VAL A 550 14.40 18.03 6.47
N VAL A 551 13.62 17.31 7.27
CA VAL A 551 12.35 16.77 6.78
C VAL A 551 11.23 17.78 6.93
N PRO A 552 10.71 18.30 5.81
CA PRO A 552 9.62 19.28 5.90
C PRO A 552 8.34 18.69 6.49
N SER A 553 7.49 19.57 7.01
CA SER A 553 6.23 19.16 7.66
C SER A 553 5.33 18.30 6.78
N ALA A 554 4.38 17.62 7.43
CA ALA A 554 3.44 16.78 6.72
C ALA A 554 2.60 17.71 5.85
N GLN A 555 2.31 18.89 6.38
CA GLN A 555 1.51 19.89 5.67
C GLN A 555 2.20 20.32 4.38
N THR A 556 3.46 20.69 4.48
CA THR A 556 4.22 21.12 3.31
C THR A 556 4.37 20.00 2.28
N LEU A 557 4.48 18.76 2.75
CA LEU A 557 4.64 17.63 1.85
C LEU A 557 3.31 17.16 1.27
N LYS A 558 2.21 17.65 1.85
CA LYS A 558 0.86 17.33 1.38
C LYS A 558 0.45 15.87 1.58
N ILE A 559 1.20 15.13 2.39
CA ILE A 559 0.90 13.73 2.61
C ILE A 559 -0.37 13.43 3.42
N THR A 560 -1.02 14.45 3.97
CA THR A 560 -2.25 14.21 4.72
C THR A 560 -3.46 14.27 3.79
N ASP A 561 -3.22 14.63 2.52
CA ASP A 561 -4.32 14.73 1.55
C ASP A 561 -4.61 13.42 0.83
N PHE A 562 -5.86 13.02 0.78
CA PHE A 562 -6.23 11.80 0.09
C PHE A 562 -5.97 11.93 -1.43
N SER A 563 -5.93 13.16 -1.92
CA SER A 563 -5.70 13.43 -3.35
C SER A 563 -4.23 13.52 -3.76
N PHE A 564 -3.34 13.26 -2.81
CA PHE A 564 -1.89 13.31 -3.03
C PHE A 564 -1.42 12.60 -4.28
N SER A 565 -0.42 13.17 -4.95
CA SER A 565 0.15 12.58 -6.16
C SER A 565 1.67 12.73 -6.07
N ASP A 566 2.41 11.80 -6.66
CA ASP A 566 3.86 11.82 -6.59
C ASP A 566 4.58 12.12 -7.91
N PHE A 567 3.83 12.36 -8.98
CA PHE A 567 4.47 12.62 -10.28
C PHE A 567 5.55 13.70 -10.23
N GLU A 568 5.32 14.75 -9.46
CA GLU A 568 6.27 15.85 -9.37
C GLU A 568 7.47 15.58 -8.46
N LEU A 569 7.43 14.49 -7.71
CA LEU A 569 8.49 14.20 -6.76
C LEU A 569 9.66 13.37 -7.27
N SER A 570 10.85 13.70 -6.81
CA SER A 570 12.07 12.97 -7.15
C SER A 570 12.14 11.84 -6.14
N ASP A 571 13.00 10.86 -6.36
CA ASP A 571 13.12 9.76 -5.42
C ASP A 571 13.48 10.24 -4.03
N LEU A 572 14.41 11.18 -3.94
CA LEU A 572 14.81 11.72 -2.64
C LEU A 572 13.61 12.31 -1.91
N GLU A 573 12.74 12.99 -2.64
CA GLU A 573 11.57 13.60 -2.03
C GLU A 573 10.58 12.56 -1.53
N THR A 574 10.46 11.42 -2.22
CA THR A 574 9.54 10.40 -1.74
C THR A 574 10.14 9.80 -0.47
N ALA A 575 11.48 9.81 -0.37
CA ALA A 575 12.16 9.29 0.80
C ALA A 575 11.90 10.21 1.99
N LEU A 576 11.96 11.52 1.76
CA LEU A 576 11.68 12.49 2.81
C LEU A 576 10.23 12.38 3.26
N CYS A 577 9.30 12.21 2.32
CA CYS A 577 7.89 12.08 2.68
C CYS A 577 7.71 10.84 3.56
N THR A 578 8.43 9.79 3.21
CA THR A 578 8.35 8.54 3.97
C THR A 578 8.82 8.74 5.40
N ILE A 579 9.94 9.45 5.58
CA ILE A 579 10.44 9.73 6.94
C ILE A 579 9.37 10.48 7.72
N ARG A 580 8.75 11.47 7.08
CA ARG A 580 7.72 12.26 7.75
C ARG A 580 6.55 11.41 8.20
N MET A 581 6.19 10.41 7.39
CA MET A 581 5.10 9.51 7.73
C MET A 581 5.40 8.79 9.05
N PHE A 582 6.62 8.24 9.16
CA PHE A 582 7.02 7.53 10.37
C PHE A 582 7.06 8.46 11.58
N THR A 583 7.53 9.68 11.35
CA THR A 583 7.66 10.68 12.41
C THR A 583 6.33 11.15 12.97
N ASP A 584 5.42 11.57 12.09
CA ASP A 584 4.12 12.07 12.54
C ASP A 584 3.18 10.98 13.06
N LEU A 585 3.54 9.72 12.89
CA LEU A 585 2.74 8.63 13.41
C LEU A 585 3.36 8.24 14.75
N ASN A 586 4.34 9.05 15.18
CA ASN A 586 5.05 8.86 16.44
C ASN A 586 5.87 7.58 16.50
N LEU A 587 6.13 6.98 15.34
CA LEU A 587 6.88 5.73 15.29
C LEU A 587 8.37 5.88 15.61
N VAL A 588 8.97 6.96 15.13
CA VAL A 588 10.39 7.20 15.39
C VAL A 588 10.63 7.34 16.89
N GLN A 589 9.76 8.11 17.54
CA GLN A 589 9.83 8.36 18.97
C GLN A 589 9.52 7.13 19.84
N ASN A 590 8.34 6.56 19.63
CA ASN A 590 7.92 5.41 20.42
C ASN A 590 8.74 4.15 20.27
N PHE A 591 9.49 4.04 19.18
CA PHE A 591 10.29 2.84 18.96
C PHE A 591 11.77 3.11 18.82
N GLN A 592 12.18 4.28 19.27
CA GLN A 592 13.57 4.71 19.25
C GLN A 592 14.33 4.37 17.97
N MET A 593 13.75 4.72 16.83
CA MET A 593 14.41 4.46 15.56
C MET A 593 15.52 5.50 15.36
N LYS A 594 16.70 5.02 14.96
CA LYS A 594 17.83 5.92 14.71
C LYS A 594 17.67 6.50 13.32
N HIS A 595 17.87 7.81 13.20
CA HIS A 595 17.71 8.48 11.91
C HIS A 595 18.42 7.84 10.72
N GLU A 596 19.73 7.63 10.84
CA GLU A 596 20.49 7.04 9.75
C GLU A 596 19.98 5.65 9.36
N VAL A 597 19.54 4.87 10.36
CA VAL A 597 19.02 3.53 10.10
C VAL A 597 17.70 3.58 9.33
N LEU A 598 16.82 4.50 9.70
CA LEU A 598 15.55 4.64 8.99
C LEU A 598 15.82 5.08 7.56
N CYS A 599 16.77 6.00 7.38
CA CYS A 599 17.12 6.49 6.05
C CYS A 599 17.66 5.35 5.19
N ARG A 600 18.54 4.55 5.77
CA ARG A 600 19.13 3.43 5.05
C ARG A 600 18.06 2.39 4.71
N TRP A 601 17.14 2.14 5.65
CA TRP A 601 16.08 1.17 5.41
C TRP A 601 15.18 1.62 4.25
N ILE A 602 14.79 2.90 4.25
CA ILE A 602 13.94 3.45 3.19
C ILE A 602 14.61 3.31 1.81
N LEU A 603 15.89 3.64 1.74
CA LEU A 603 16.62 3.53 0.47
C LEU A 603 16.72 2.08 0.02
N SER A 604 16.91 1.17 0.97
CA SER A 604 17.00 -0.26 0.64
C SER A 604 15.67 -0.78 0.10
N VAL A 605 14.57 -0.31 0.69
CA VAL A 605 13.26 -0.75 0.23
C VAL A 605 13.04 -0.23 -1.18
N LYS A 606 13.29 1.06 -1.38
CA LYS A 606 13.10 1.66 -2.71
C LYS A 606 13.95 0.96 -3.75
N LYS A 607 15.19 0.65 -3.38
CA LYS A 607 16.12 -0.02 -4.27
C LYS A 607 15.67 -1.43 -4.67
N ASN A 608 14.86 -2.07 -3.85
CA ASN A 608 14.43 -3.41 -4.17
C ASN A 608 13.14 -3.56 -4.98
N TYR A 609 12.62 -2.43 -5.45
CA TYR A 609 11.45 -2.48 -6.32
C TYR A 609 12.07 -2.34 -7.70
N ARG A 610 11.41 -2.85 -8.73
CA ARG A 610 11.95 -2.77 -10.08
C ARG A 610 11.34 -1.61 -10.87
N LYS A 611 12.18 -0.67 -11.26
CA LYS A 611 11.72 0.48 -12.01
C LYS A 611 11.17 0.12 -13.39
N ASN A 612 11.61 -1.00 -13.93
CA ASN A 612 11.14 -1.43 -15.26
C ASN A 612 9.73 -2.01 -15.23
N VAL A 613 9.14 -2.10 -14.03
CA VAL A 613 7.77 -2.60 -13.90
C VAL A 613 6.90 -1.34 -13.94
N ALA A 614 6.07 -1.23 -14.97
CA ALA A 614 5.21 -0.05 -15.16
C ALA A 614 4.41 0.44 -13.97
N TYR A 615 3.72 -0.46 -13.26
CA TYR A 615 2.90 -0.03 -12.13
C TYR A 615 3.36 -0.50 -10.75
N HIS A 616 3.61 -1.81 -10.60
CA HIS A 616 4.04 -2.33 -9.30
C HIS A 616 5.51 -2.04 -9.03
N ASN A 617 5.79 -0.77 -8.72
CA ASN A 617 7.14 -0.31 -8.44
C ASN A 617 7.14 0.52 -7.16
N TRP A 618 8.28 1.12 -6.85
CA TRP A 618 8.41 1.92 -5.65
C TRP A 618 7.33 3.00 -5.50
N ARG A 619 7.03 3.72 -6.57
CA ARG A 619 6.01 4.78 -6.49
C ARG A 619 4.65 4.24 -6.07
N HIS A 620 4.33 3.03 -6.49
CA HIS A 620 3.06 2.45 -6.10
C HIS A 620 3.09 2.12 -4.60
N ALA A 621 4.21 1.55 -4.13
CA ALA A 621 4.35 1.21 -2.72
C ALA A 621 4.32 2.50 -1.90
N PHE A 622 5.02 3.51 -2.40
CA PHE A 622 5.09 4.79 -1.73
C PHE A 622 3.70 5.39 -1.60
N ASN A 623 2.93 5.34 -2.68
CA ASN A 623 1.56 5.87 -2.69
C ASN A 623 0.64 5.10 -1.75
N THR A 624 0.85 3.78 -1.65
CA THR A 624 0.02 2.96 -0.76
C THR A 624 0.27 3.36 0.70
N ALA A 625 1.54 3.62 1.03
CA ALA A 625 1.90 4.04 2.37
C ALA A 625 1.35 5.43 2.66
N GLN A 626 1.37 6.31 1.66
CA GLN A 626 0.84 7.66 1.85
C GLN A 626 -0.66 7.58 2.12
N CYS A 627 -1.35 6.69 1.42
CA CYS A 627 -2.79 6.54 1.63
C CYS A 627 -3.03 6.02 3.05
N MET A 628 -2.18 5.11 3.50
CA MET A 628 -2.31 4.57 4.84
C MET A 628 -2.14 5.72 5.83
N PHE A 629 -1.15 6.57 5.59
CA PHE A 629 -0.91 7.71 6.46
C PHE A 629 -2.15 8.62 6.51
N ALA A 630 -2.68 8.97 5.34
CA ALA A 630 -3.85 9.84 5.25
C ALA A 630 -5.09 9.23 5.91
N ALA A 631 -5.29 7.93 5.71
CA ALA A 631 -6.44 7.26 6.31
C ALA A 631 -6.27 7.26 7.83
N LEU A 632 -5.04 7.06 8.30
CA LEU A 632 -4.77 7.07 9.73
C LEU A 632 -4.93 8.46 10.33
N LYS A 633 -4.46 9.48 9.62
CA LYS A 633 -4.54 10.87 10.08
C LYS A 633 -5.86 11.57 9.74
N ALA A 634 -6.03 11.93 8.45
CA ALA A 634 -7.25 12.59 8.01
C ALA A 634 -8.46 11.67 8.18
N GLY A 635 -8.24 10.38 7.94
CA GLY A 635 -9.32 9.41 8.07
C GLY A 635 -9.62 9.01 9.50
N LYS A 636 -8.79 9.48 10.42
CA LYS A 636 -8.95 9.20 11.85
C LYS A 636 -8.97 7.74 12.27
N ILE A 637 -8.27 6.89 11.54
CA ILE A 637 -8.23 5.47 11.89
C ILE A 637 -7.14 5.24 12.94
N GLN A 638 -6.25 6.22 13.07
CA GLN A 638 -5.15 6.17 14.03
C GLN A 638 -5.63 5.85 15.44
N ASN A 639 -6.74 6.48 15.84
CA ASN A 639 -7.31 6.29 17.18
C ASN A 639 -7.89 4.90 17.42
N LYS A 640 -8.14 4.17 16.34
CA LYS A 640 -8.71 2.83 16.47
C LYS A 640 -7.69 1.71 16.58
N LEU A 641 -6.42 2.01 16.30
CA LEU A 641 -5.37 1.00 16.34
C LEU A 641 -4.30 1.22 17.40
N THR A 642 -3.47 0.19 17.63
CA THR A 642 -2.37 0.29 18.58
C THR A 642 -1.11 0.75 17.83
N ASP A 643 -0.10 1.21 18.57
CA ASP A 643 1.13 1.67 17.96
C ASP A 643 1.81 0.58 17.15
N LEU A 644 1.78 -0.65 17.65
CA LEU A 644 2.39 -1.77 16.94
C LEU A 644 1.66 -2.02 15.62
N GLU A 645 0.32 -1.99 15.66
CA GLU A 645 -0.46 -2.22 14.46
C GLU A 645 -0.18 -1.14 13.41
N ILE A 646 0.01 0.09 13.89
CA ILE A 646 0.30 1.23 13.02
C ILE A 646 1.69 1.10 12.43
N LEU A 647 2.63 0.65 13.26
CA LEU A 647 4.00 0.44 12.83
C LEU A 647 4.01 -0.62 11.72
N ALA A 648 3.28 -1.72 11.97
CA ALA A 648 3.19 -2.82 11.03
C ALA A 648 2.54 -2.43 9.71
N LEU A 649 1.45 -1.66 9.79
CA LEU A 649 0.74 -1.22 8.60
C LEU A 649 1.60 -0.34 7.69
N LEU A 650 2.29 0.63 8.28
CA LEU A 650 3.13 1.51 7.47
C LEU A 650 4.27 0.71 6.80
N ILE A 651 4.95 -0.14 7.57
CA ILE A 651 6.04 -0.95 7.01
C ILE A 651 5.51 -1.87 5.91
N ALA A 652 4.35 -2.46 6.17
CA ALA A 652 3.70 -3.36 5.21
C ALA A 652 3.30 -2.64 3.92
N ALA A 653 2.75 -1.43 4.04
CA ALA A 653 2.34 -0.67 2.85
C ALA A 653 3.54 -0.38 1.96
N LEU A 654 4.66 -0.01 2.58
CA LEU A 654 5.88 0.31 1.86
C LEU A 654 6.59 -0.91 1.27
N SER A 655 6.48 -2.05 1.96
CA SER A 655 7.17 -3.28 1.56
C SER A 655 6.39 -4.36 0.85
N HIS A 656 5.05 -4.28 0.87
CA HIS A 656 4.21 -5.32 0.31
C HIS A 656 4.41 -5.80 -1.13
N ASP A 657 4.99 -4.98 -2.00
CA ASP A 657 5.21 -5.41 -3.38
C ASP A 657 6.69 -5.55 -3.74
N LEU A 658 7.56 -5.57 -2.73
CA LEU A 658 9.00 -5.69 -2.97
C LEU A 658 9.39 -6.78 -3.98
N ASP A 659 10.26 -6.40 -4.91
CA ASP A 659 10.77 -7.30 -5.95
C ASP A 659 9.68 -7.79 -6.91
N HIS A 660 8.57 -7.06 -6.97
CA HIS A 660 7.48 -7.41 -7.86
C HIS A 660 8.02 -7.37 -9.29
N ARG A 661 7.66 -8.36 -10.09
CA ARG A 661 8.15 -8.41 -11.45
C ARG A 661 7.10 -8.17 -12.51
N GLY A 662 5.94 -7.66 -12.09
CA GLY A 662 4.87 -7.39 -13.04
C GLY A 662 3.87 -8.53 -13.05
N VAL A 663 2.60 -8.22 -13.31
CA VAL A 663 1.56 -9.24 -13.32
C VAL A 663 1.79 -10.38 -14.33
N ASN A 664 2.55 -10.09 -15.39
CA ASN A 664 2.83 -11.10 -16.40
C ASN A 664 4.20 -11.76 -16.23
N ASN A 665 4.57 -12.07 -14.98
CA ASN A 665 5.86 -12.69 -14.69
C ASN A 665 5.77 -14.23 -14.71
N SER A 666 6.91 -14.88 -14.93
CA SER A 666 6.99 -16.34 -14.96
C SER A 666 7.88 -16.87 -13.85
N TYR A 667 7.81 -16.22 -12.69
CA TYR A 667 8.61 -16.60 -11.53
C TYR A 667 8.37 -18.04 -11.10
N ILE A 668 7.13 -18.36 -10.74
CA ILE A 668 6.79 -19.72 -10.30
C ILE A 668 6.82 -20.68 -11.48
N GLN A 669 6.42 -20.18 -12.64
CA GLN A 669 6.39 -20.95 -13.87
C GLN A 669 7.74 -21.56 -14.23
N ARG A 670 8.82 -20.90 -13.79
CA ARG A 670 10.17 -21.35 -14.09
C ARG A 670 10.89 -21.94 -12.88
N SER A 671 10.15 -22.22 -11.81
CA SER A 671 10.75 -22.77 -10.61
C SER A 671 10.61 -24.28 -10.57
N GLU A 672 11.02 -24.89 -9.46
CA GLU A 672 10.92 -26.34 -9.30
C GLU A 672 9.51 -26.70 -8.86
N HIS A 673 8.67 -25.69 -8.70
CA HIS A 673 7.30 -25.92 -8.27
C HIS A 673 6.30 -25.09 -9.07
N PRO A 674 6.21 -25.36 -10.38
CA PRO A 674 5.31 -24.66 -11.29
C PRO A 674 3.82 -24.79 -10.94
N LEU A 675 3.51 -25.60 -9.93
CA LEU A 675 2.12 -25.79 -9.51
C LEU A 675 1.85 -25.15 -8.14
N ALA A 676 2.91 -24.61 -7.54
CA ALA A 676 2.82 -23.98 -6.21
C ALA A 676 1.61 -23.09 -5.97
N GLN A 677 1.30 -22.23 -6.94
CA GLN A 677 0.17 -21.31 -6.81
C GLN A 677 -1.16 -22.00 -6.49
N LEU A 678 -1.28 -23.27 -6.88
CA LEU A 678 -2.50 -24.04 -6.61
C LEU A 678 -2.52 -24.46 -5.15
N TYR A 679 -1.34 -24.63 -4.56
CA TYR A 679 -1.22 -25.03 -3.15
C TYR A 679 -1.29 -23.77 -2.28
N CYS A 680 -0.41 -22.83 -2.61
CA CYS A 680 -0.30 -21.57 -1.89
C CYS A 680 -0.49 -20.42 -2.90
N HIS A 681 -1.73 -20.00 -3.08
CA HIS A 681 -2.05 -18.94 -4.03
C HIS A 681 -1.33 -17.62 -3.77
N SER A 682 -1.10 -17.29 -2.50
CA SER A 682 -0.43 -16.05 -2.16
C SER A 682 1.08 -16.23 -2.11
N ILE A 683 1.59 -17.18 -2.91
CA ILE A 683 3.01 -17.47 -2.92
C ILE A 683 3.88 -16.25 -3.27
N MET A 684 3.43 -15.40 -4.19
CA MET A 684 4.24 -14.22 -4.53
C MET A 684 4.21 -13.22 -3.37
N GLU A 685 3.06 -13.12 -2.70
CA GLU A 685 2.96 -12.20 -1.56
C GLU A 685 3.90 -12.70 -0.45
N HIS A 686 4.04 -14.02 -0.33
CA HIS A 686 4.96 -14.58 0.66
C HIS A 686 6.38 -14.17 0.31
N HIS A 687 6.67 -14.15 -0.99
CA HIS A 687 7.99 -13.76 -1.46
C HIS A 687 8.22 -12.28 -1.16
N HIS A 688 7.18 -11.46 -1.32
CA HIS A 688 7.31 -10.03 -1.03
C HIS A 688 7.65 -9.89 0.45
N PHE A 689 7.02 -10.69 1.30
CA PHE A 689 7.30 -10.61 2.73
C PHE A 689 8.73 -11.03 3.03
N ASP A 690 9.19 -12.08 2.35
CA ASP A 690 10.56 -12.56 2.54
C ASP A 690 11.55 -11.43 2.27
N GLN A 691 11.32 -10.68 1.20
CA GLN A 691 12.17 -9.54 0.84
C GLN A 691 12.13 -8.49 1.94
N CYS A 692 10.93 -8.26 2.46
CA CYS A 692 10.74 -7.29 3.54
C CYS A 692 11.58 -7.68 4.75
N LEU A 693 11.45 -8.92 5.20
CA LEU A 693 12.19 -9.41 6.35
C LEU A 693 13.69 -9.34 6.14
N MET A 694 14.13 -9.70 4.92
CA MET A 694 15.54 -9.67 4.58
C MET A 694 16.11 -8.26 4.77
N ILE A 695 15.35 -7.25 4.37
CA ILE A 695 15.79 -5.86 4.50
C ILE A 695 15.79 -5.43 5.97
N LEU A 696 14.74 -5.79 6.71
CA LEU A 696 14.65 -5.45 8.13
C LEU A 696 15.82 -6.07 8.93
N ASN A 697 16.42 -7.13 8.40
CA ASN A 697 17.52 -7.80 9.08
C ASN A 697 18.91 -7.44 8.54
N SER A 698 18.95 -6.63 7.48
CA SER A 698 20.22 -6.25 6.89
C SER A 698 20.98 -5.29 7.80
N PRO A 699 22.31 -5.45 7.91
CA PRO A 699 23.07 -4.55 8.77
C PRO A 699 22.86 -3.07 8.43
N GLY A 700 22.62 -2.27 9.46
CA GLY A 700 22.39 -0.85 9.28
C GLY A 700 20.96 -0.47 8.90
N ASN A 701 20.10 -1.46 8.66
CA ASN A 701 18.71 -1.22 8.28
C ASN A 701 17.66 -1.69 9.29
N GLN A 702 18.10 -2.11 10.47
CA GLN A 702 17.16 -2.62 11.47
C GLN A 702 16.33 -1.59 12.23
N ILE A 703 15.28 -1.08 11.60
CA ILE A 703 14.44 -0.07 12.23
C ILE A 703 13.61 -0.59 13.40
N LEU A 704 13.52 -1.90 13.57
CA LEU A 704 12.76 -2.47 14.68
C LEU A 704 13.66 -2.94 15.82
N SER A 705 14.95 -2.65 15.71
CA SER A 705 15.90 -3.07 16.74
C SER A 705 15.49 -2.54 18.11
N GLY A 706 14.72 -1.47 18.12
CA GLY A 706 14.28 -0.86 19.37
C GLY A 706 13.13 -1.56 20.08
N LEU A 707 12.46 -2.48 19.39
CA LEU A 707 11.34 -3.20 19.98
C LEU A 707 11.82 -4.38 20.83
N SER A 708 11.02 -4.78 21.81
CA SER A 708 11.37 -5.92 22.65
C SER A 708 11.08 -7.13 21.78
N ILE A 709 11.62 -8.29 22.15
CA ILE A 709 11.38 -9.49 21.36
C ILE A 709 9.89 -9.76 21.21
N GLU A 710 9.13 -9.49 22.26
CA GLU A 710 7.68 -9.70 22.21
C GLU A 710 6.99 -8.72 21.27
N GLU A 711 7.39 -7.45 21.32
CA GLU A 711 6.82 -6.44 20.45
C GLU A 711 7.18 -6.80 19.02
N TYR A 712 8.44 -7.19 18.85
CA TYR A 712 8.98 -7.57 17.55
C TYR A 712 8.24 -8.72 16.91
N LYS A 713 7.99 -9.78 17.67
CA LYS A 713 7.28 -10.93 17.13
C LYS A 713 5.85 -10.54 16.75
N THR A 714 5.21 -9.72 17.57
CA THR A 714 3.86 -9.28 17.28
C THR A 714 3.84 -8.41 16.02
N THR A 715 4.81 -7.52 15.90
CA THR A 715 4.88 -6.65 14.73
C THR A 715 5.11 -7.43 13.44
N LEU A 716 6.03 -8.39 13.45
CA LEU A 716 6.32 -9.20 12.26
C LEU A 716 5.09 -10.00 11.82
N LYS A 717 4.33 -10.48 12.79
CA LYS A 717 3.12 -11.24 12.48
C LYS A 717 2.12 -10.35 11.78
N ILE A 718 1.94 -9.14 12.28
CA ILE A 718 1.00 -8.22 11.67
C ILE A 718 1.50 -7.80 10.29
N ILE A 719 2.81 -7.54 10.17
CA ILE A 719 3.38 -7.16 8.89
C ILE A 719 3.12 -8.27 7.87
N LYS A 720 3.34 -9.52 8.28
CA LYS A 720 3.13 -10.66 7.39
C LYS A 720 1.67 -10.74 6.93
N GLN A 721 0.74 -10.71 7.88
CA GLN A 721 -0.69 -10.78 7.56
C GLN A 721 -1.06 -9.66 6.58
N ALA A 722 -0.57 -8.45 6.85
CA ALA A 722 -0.86 -7.30 6.01
C ALA A 722 -0.37 -7.47 4.58
N ILE A 723 0.84 -7.99 4.41
CA ILE A 723 1.37 -8.17 3.08
C ILE A 723 0.61 -9.27 2.35
N LEU A 724 0.31 -10.37 3.06
CA LEU A 724 -0.43 -11.47 2.46
C LEU A 724 -1.81 -10.96 2.07
N ALA A 725 -2.34 -10.03 2.86
CA ALA A 725 -3.65 -9.46 2.58
C ALA A 725 -3.70 -8.75 1.24
N THR A 726 -2.54 -8.39 0.69
CA THR A 726 -2.54 -7.70 -0.61
C THR A 726 -2.76 -8.66 -1.77
N ASP A 727 -2.97 -9.93 -1.45
CA ASP A 727 -3.28 -10.93 -2.47
C ASP A 727 -4.77 -10.68 -2.66
N LEU A 728 -5.14 -10.13 -3.81
CA LEU A 728 -6.53 -9.80 -4.07
C LEU A 728 -7.46 -10.99 -3.89
N ALA A 729 -6.95 -12.21 -4.04
CA ALA A 729 -7.78 -13.38 -3.86
C ALA A 729 -8.20 -13.51 -2.39
N LEU A 730 -7.30 -13.17 -1.47
CA LEU A 730 -7.62 -13.24 -0.04
C LEU A 730 -8.63 -12.16 0.32
N TYR A 731 -8.54 -11.01 -0.35
CA TYR A 731 -9.49 -9.93 -0.12
C TYR A 731 -10.88 -10.44 -0.49
N ILE A 732 -11.01 -10.95 -1.72
CA ILE A 732 -12.29 -11.46 -2.20
C ILE A 732 -12.85 -12.55 -1.30
N LYS A 733 -11.96 -13.37 -0.74
CA LYS A 733 -12.35 -14.46 0.14
C LYS A 733 -12.85 -14.02 1.52
N ARG A 734 -12.33 -12.91 2.03
CA ARG A 734 -12.72 -12.44 3.36
C ARG A 734 -13.66 -11.23 3.39
N ARG A 735 -13.93 -10.67 2.22
CA ARG A 735 -14.82 -9.50 2.08
C ARG A 735 -16.15 -9.68 2.80
N GLY A 736 -16.87 -10.70 2.34
CA GLY A 736 -18.19 -11.01 2.86
C GLY A 736 -18.37 -10.83 4.35
N GLU A 737 -17.52 -11.48 5.13
CA GLU A 737 -17.61 -11.38 6.58
C GLU A 737 -17.55 -9.93 7.07
N PHE A 738 -16.64 -9.15 6.48
CA PHE A 738 -16.49 -7.75 6.84
C PHE A 738 -17.73 -6.96 6.48
N PHE A 739 -18.20 -7.08 5.24
CA PHE A 739 -19.39 -6.36 4.80
C PHE A 739 -20.61 -6.75 5.64
N GLU A 740 -20.69 -8.03 6.00
CA GLU A 740 -21.78 -8.55 6.81
C GLU A 740 -21.84 -7.86 8.16
N LEU A 741 -20.71 -7.84 8.86
CA LEU A 741 -20.62 -7.21 10.17
C LEU A 741 -21.02 -5.74 10.14
N ILE A 742 -20.48 -5.01 9.16
CA ILE A 742 -20.80 -3.59 9.01
C ILE A 742 -22.30 -3.45 8.78
N ARG A 743 -22.81 -4.31 7.92
CA ARG A 743 -24.22 -4.34 7.55
C ARG A 743 -25.15 -4.55 8.74
N LYS A 744 -24.85 -5.57 9.54
CA LYS A 744 -25.67 -5.90 10.70
C LYS A 744 -25.24 -5.11 11.93
N ASN A 745 -24.42 -4.08 11.73
CA ASN A 745 -23.93 -3.25 12.82
C ASN A 745 -23.36 -4.08 13.96
N GLN A 746 -22.60 -5.12 13.61
CA GLN A 746 -21.98 -5.99 14.61
C GLN A 746 -20.46 -5.86 14.59
N PHE A 747 -19.95 -4.97 13.75
CA PHE A 747 -18.51 -4.75 13.65
C PHE A 747 -17.93 -4.21 14.95
N ASN A 748 -17.00 -4.95 15.54
CA ASN A 748 -16.37 -4.57 16.80
C ASN A 748 -14.86 -4.78 16.76
N LEU A 749 -14.11 -3.69 16.68
CA LEU A 749 -12.65 -3.75 16.63
C LEU A 749 -12.03 -4.36 17.88
N GLU A 750 -12.79 -4.38 18.97
CA GLU A 750 -12.29 -4.96 20.22
C GLU A 750 -12.19 -6.46 20.10
N ASP A 751 -12.83 -7.01 19.08
CA ASP A 751 -12.82 -8.44 18.82
C ASP A 751 -11.51 -8.69 18.05
N PRO A 752 -10.61 -9.49 18.62
CA PRO A 752 -9.32 -9.78 17.97
C PRO A 752 -9.43 -10.28 16.52
N HIS A 753 -10.45 -11.08 16.24
CA HIS A 753 -10.63 -11.59 14.88
C HIS A 753 -11.07 -10.47 13.94
N GLN A 754 -11.97 -9.62 14.42
CA GLN A 754 -12.48 -8.52 13.61
C GLN A 754 -11.41 -7.46 13.36
N LYS A 755 -10.55 -7.21 14.35
CA LYS A 755 -9.50 -6.24 14.18
C LYS A 755 -8.55 -6.72 13.08
N GLU A 756 -8.20 -8.00 13.11
CA GLU A 756 -7.32 -8.57 12.11
C GLU A 756 -7.95 -8.46 10.71
N LEU A 757 -9.24 -8.71 10.63
CA LEU A 757 -9.98 -8.65 9.36
C LEU A 757 -9.94 -7.22 8.85
N PHE A 758 -10.16 -6.27 9.75
CA PHE A 758 -10.15 -4.85 9.39
C PHE A 758 -8.78 -4.41 8.85
N LEU A 759 -7.71 -4.89 9.47
CA LEU A 759 -6.36 -4.54 9.02
C LEU A 759 -6.13 -4.99 7.59
N ALA A 760 -6.66 -6.16 7.24
CA ALA A 760 -6.53 -6.70 5.89
C ALA A 760 -7.34 -5.87 4.91
N MET A 761 -8.54 -5.47 5.32
CA MET A 761 -9.39 -4.67 4.45
C MET A 761 -8.77 -3.28 4.23
N LEU A 762 -8.16 -2.73 5.28
CA LEU A 762 -7.51 -1.43 5.20
C LEU A 762 -6.32 -1.49 4.22
N MET A 763 -5.56 -2.58 4.27
CA MET A 763 -4.43 -2.76 3.38
C MET A 763 -4.91 -2.75 1.94
N THR A 764 -6.00 -3.47 1.67
CA THR A 764 -6.54 -3.50 0.31
C THR A 764 -6.99 -2.11 -0.12
N ALA A 765 -7.70 -1.42 0.78
CA ALA A 765 -8.18 -0.08 0.47
C ALA A 765 -7.04 0.86 0.05
N CYS A 766 -5.92 0.80 0.75
CA CYS A 766 -4.78 1.66 0.41
C CYS A 766 -4.08 1.20 -0.86
N ASP A 767 -3.97 -0.11 -1.03
CA ASP A 767 -3.32 -0.72 -2.19
C ASP A 767 -4.02 -0.40 -3.51
N LEU A 768 -5.34 -0.19 -3.46
CA LEU A 768 -6.11 0.12 -4.66
C LEU A 768 -6.45 1.61 -4.78
N SER A 769 -6.01 2.42 -3.82
CA SER A 769 -6.35 3.83 -3.78
C SER A 769 -6.09 4.71 -5.00
N ALA A 770 -5.35 4.21 -5.99
CA ALA A 770 -5.11 5.01 -7.19
C ALA A 770 -6.46 5.23 -7.87
N ILE A 771 -7.37 4.29 -7.63
CA ILE A 771 -8.70 4.34 -8.23
C ILE A 771 -9.56 5.47 -7.64
N THR A 772 -9.10 6.06 -6.54
CA THR A 772 -9.83 7.13 -5.88
C THR A 772 -9.31 8.53 -6.20
N LYS A 773 -8.17 8.62 -6.86
CA LYS A 773 -7.53 9.90 -7.18
C LYS A 773 -8.27 10.86 -8.12
N PRO A 774 -7.95 12.16 -8.06
CA PRO A 774 -8.58 13.16 -8.94
C PRO A 774 -8.47 12.64 -10.38
N TRP A 775 -9.51 12.86 -11.17
CA TRP A 775 -9.55 12.40 -12.55
C TRP A 775 -8.25 12.45 -13.35
N PRO A 776 -7.61 13.62 -13.47
CA PRO A 776 -6.34 13.65 -14.23
C PRO A 776 -5.25 12.72 -13.70
N ILE A 777 -5.20 12.52 -12.39
CA ILE A 777 -4.21 11.64 -11.81
C ILE A 777 -4.61 10.17 -12.04
N GLN A 778 -5.90 9.85 -11.88
CA GLN A 778 -6.38 8.48 -12.09
C GLN A 778 -6.16 8.04 -13.54
N GLN A 779 -6.33 8.97 -14.48
CA GLN A 779 -6.11 8.65 -15.90
C GLN A 779 -4.68 8.20 -16.12
N ARG A 780 -3.75 8.91 -15.50
CA ARG A 780 -2.34 8.59 -15.63
C ARG A 780 -2.02 7.24 -14.97
N ILE A 781 -2.55 7.02 -13.78
CA ILE A 781 -2.31 5.77 -13.06
C ILE A 781 -2.90 4.60 -13.85
N ALA A 782 -4.06 4.81 -14.46
CA ALA A 782 -4.71 3.75 -15.24
C ALA A 782 -3.84 3.41 -16.45
N GLU A 783 -3.14 4.40 -16.97
CA GLU A 783 -2.25 4.23 -18.11
C GLU A 783 -1.10 3.29 -17.72
N LEU A 784 -0.58 3.47 -16.51
CA LEU A 784 0.50 2.63 -16.01
C LEU A 784 0.05 1.18 -15.81
N VAL A 785 -1.14 1.02 -15.25
CA VAL A 785 -1.71 -0.32 -15.03
C VAL A 785 -1.92 -1.00 -16.37
N ALA A 786 -2.53 -0.28 -17.31
CA ALA A 786 -2.77 -0.83 -18.64
C ALA A 786 -1.45 -1.28 -19.27
N THR A 787 -0.42 -0.43 -19.13
CA THR A 787 0.89 -0.76 -19.70
C THR A 787 1.43 -2.06 -19.12
N GLU A 788 1.41 -2.18 -17.79
CA GLU A 788 1.90 -3.41 -17.16
C GLU A 788 1.07 -4.62 -17.58
N PHE A 789 -0.24 -4.45 -17.60
CA PHE A 789 -1.17 -5.51 -17.95
C PHE A 789 -1.08 -6.01 -19.40
N PHE A 790 -1.04 -5.07 -20.34
CA PHE A 790 -1.05 -5.43 -21.75
C PHE A 790 0.25 -5.33 -22.55
N ASP A 791 1.10 -4.39 -22.23
CA ASP A 791 2.35 -4.24 -22.97
C ASP A 791 3.47 -4.90 -22.18
N GLN A 792 3.10 -5.85 -21.33
CA GLN A 792 4.03 -6.57 -20.49
C GLN A 792 5.07 -5.62 -19.92
N GLY A 793 4.66 -4.38 -19.69
CA GLY A 793 5.56 -3.39 -19.14
C GLY A 793 5.85 -3.77 -17.71
N ASP A 794 6.08 -5.07 -17.50
CA ASP A 794 6.38 -5.64 -16.19
C ASP A 794 7.88 -5.69 -16.03
N ARG A 795 8.57 -6.23 -17.04
CA ARG A 795 10.02 -6.31 -16.99
C ARG A 795 10.61 -6.00 -18.36
N GLU A 811 -7.82 -0.83 -29.84
CA GLU A 811 -7.51 -2.11 -29.13
C GLU A 811 -7.94 -2.01 -27.67
N LYS A 812 -7.12 -2.55 -26.78
CA LYS A 812 -7.38 -2.55 -25.35
C LYS A 812 -7.75 -1.13 -24.92
N LYS A 813 -7.04 -0.16 -25.49
CA LYS A 813 -7.23 1.27 -25.22
C LYS A 813 -8.69 1.72 -25.24
N ASN A 814 -9.47 1.14 -26.16
CA ASN A 814 -10.88 1.49 -26.30
C ASN A 814 -11.74 0.72 -25.32
N LYS A 815 -11.19 -0.36 -24.78
CA LYS A 815 -11.89 -1.20 -23.83
C LYS A 815 -11.55 -0.79 -22.40
N ILE A 816 -10.51 0.01 -22.24
CA ILE A 816 -10.08 0.43 -20.92
C ILE A 816 -11.18 1.09 -20.08
N PRO A 817 -11.94 2.04 -20.66
CA PRO A 817 -13.00 2.66 -19.87
C PRO A 817 -13.97 1.66 -19.25
N SER A 818 -14.51 0.75 -20.05
CA SER A 818 -15.44 -0.24 -19.51
C SER A 818 -14.74 -1.16 -18.51
N MET A 819 -13.47 -1.48 -18.77
CA MET A 819 -12.71 -2.33 -17.85
C MET A 819 -12.62 -1.68 -16.48
N GLN A 820 -12.29 -0.38 -16.45
CA GLN A 820 -12.16 0.33 -15.18
C GLN A 820 -13.49 0.37 -14.43
N VAL A 821 -14.59 0.57 -15.16
CA VAL A 821 -15.90 0.61 -14.53
C VAL A 821 -16.18 -0.75 -13.88
N GLY A 822 -15.89 -1.82 -14.61
CA GLY A 822 -16.11 -3.15 -14.07
C GLY A 822 -15.28 -3.41 -12.83
N PHE A 823 -14.03 -2.93 -12.85
CA PHE A 823 -13.13 -3.08 -11.72
C PHE A 823 -13.67 -2.31 -10.52
N ILE A 824 -14.08 -1.07 -10.76
CA ILE A 824 -14.61 -0.25 -9.66
C ILE A 824 -15.83 -0.91 -9.02
N ASP A 825 -16.78 -1.35 -9.84
CA ASP A 825 -17.99 -2.00 -9.34
C ASP A 825 -17.74 -3.32 -8.61
N ALA A 826 -16.95 -4.18 -9.24
CA ALA A 826 -16.67 -5.49 -8.66
C ALA A 826 -15.75 -5.52 -7.44
N ILE A 827 -14.74 -4.66 -7.45
CA ILE A 827 -13.75 -4.67 -6.37
C ILE A 827 -13.70 -3.49 -5.42
N CYS A 828 -13.76 -2.28 -5.97
CA CYS A 828 -13.61 -1.07 -5.15
C CYS A 828 -14.76 -0.44 -4.38
N LEU A 829 -15.86 -0.12 -5.07
CA LEU A 829 -16.97 0.54 -4.41
C LEU A 829 -17.40 0.00 -3.06
N GLN A 830 -17.70 -1.29 -2.98
CA GLN A 830 -18.12 -1.88 -1.72
C GLN A 830 -17.11 -1.65 -0.61
N LEU A 831 -15.84 -1.85 -0.91
CA LEU A 831 -14.78 -1.68 0.09
C LEU A 831 -14.75 -0.26 0.63
N TYR A 832 -14.72 0.74 -0.25
CA TYR A 832 -14.67 2.11 0.20
C TYR A 832 -15.95 2.54 0.91
N GLU A 833 -17.08 1.94 0.54
CA GLU A 833 -18.33 2.27 1.23
C GLU A 833 -18.23 1.72 2.65
N ALA A 834 -17.76 0.48 2.78
CA ALA A 834 -17.62 -0.14 4.10
C ALA A 834 -16.67 0.65 5.00
N LEU A 835 -15.57 1.10 4.43
CA LEU A 835 -14.57 1.86 5.19
C LEU A 835 -15.17 3.14 5.75
N THR A 836 -15.98 3.83 4.95
CA THR A 836 -16.61 5.07 5.39
C THR A 836 -17.56 4.80 6.56
N HIS A 837 -18.10 3.59 6.63
CA HIS A 837 -18.99 3.20 7.72
C HIS A 837 -18.20 3.13 9.01
N VAL A 838 -16.97 2.65 8.90
CA VAL A 838 -16.11 2.52 10.07
C VAL A 838 -15.63 3.90 10.51
N SER A 839 -15.34 4.76 9.54
CA SER A 839 -14.90 6.12 9.81
C SER A 839 -15.31 7.03 8.67
N GLU A 840 -16.30 7.87 8.94
CA GLU A 840 -16.82 8.79 7.94
C GLU A 840 -15.78 9.73 7.35
N ASP A 841 -14.66 9.93 8.04
CA ASP A 841 -13.62 10.82 7.54
C ASP A 841 -12.86 10.20 6.38
N CYS A 842 -13.16 8.95 6.07
CA CYS A 842 -12.53 8.25 4.95
C CYS A 842 -13.39 8.40 3.70
N PHE A 843 -14.47 9.17 3.83
CA PHE A 843 -15.41 9.40 2.72
C PHE A 843 -14.74 9.88 1.42
N PRO A 844 -13.72 10.75 1.52
CA PRO A 844 -13.10 11.21 0.28
C PRO A 844 -12.59 10.11 -0.65
N LEU A 845 -12.24 8.96 -0.09
CA LEU A 845 -11.77 7.85 -0.92
C LEU A 845 -12.98 7.32 -1.71
N LEU A 846 -14.10 7.15 -1.02
CA LEU A 846 -15.33 6.69 -1.66
C LEU A 846 -15.77 7.71 -2.71
N ASP A 847 -15.76 8.98 -2.32
CA ASP A 847 -16.17 10.07 -3.19
C ASP A 847 -15.33 10.08 -4.47
N GLY A 848 -14.01 9.98 -4.31
CA GLY A 848 -13.13 9.98 -5.46
C GLY A 848 -13.36 8.78 -6.37
N CYS A 849 -13.64 7.64 -5.77
CA CYS A 849 -13.88 6.41 -6.54
C CYS A 849 -15.12 6.61 -7.41
N ARG A 850 -16.18 7.13 -6.79
CA ARG A 850 -17.44 7.36 -7.49
C ARG A 850 -17.27 8.30 -8.67
N LYS A 851 -16.53 9.39 -8.43
CA LYS A 851 -16.28 10.37 -9.49
C LYS A 851 -15.51 9.77 -10.65
N ASN A 852 -14.58 8.87 -10.36
CA ASN A 852 -13.83 8.24 -11.45
C ASN A 852 -14.72 7.26 -12.21
N ARG A 853 -15.63 6.59 -11.50
CA ARG A 853 -16.54 5.66 -12.18
C ARG A 853 -17.38 6.44 -13.17
N GLN A 854 -17.87 7.60 -12.73
CA GLN A 854 -18.68 8.46 -13.57
C GLN A 854 -17.88 8.85 -14.81
N LYS A 855 -16.63 9.24 -14.60
CA LYS A 855 -15.75 9.66 -15.69
C LYS A 855 -15.46 8.55 -16.68
N TRP A 856 -15.11 7.36 -16.17
CA TRP A 856 -14.82 6.23 -17.05
C TRP A 856 -16.10 5.76 -17.75
N GLN A 857 -17.23 5.81 -17.06
CA GLN A 857 -18.49 5.38 -17.65
C GLN A 857 -18.85 6.28 -18.84
N ALA A 858 -18.65 7.59 -18.68
CA ALA A 858 -18.94 8.54 -19.75
C ALA A 858 -18.10 8.18 -20.97
N LEU A 859 -16.81 7.91 -20.74
CA LEU A 859 -15.92 7.54 -21.82
C LEU A 859 -16.32 6.20 -22.42
N ALA A 860 -16.78 5.28 -21.58
CA ALA A 860 -17.18 3.97 -22.04
C ALA A 860 -18.30 4.09 -23.08
N GLU A 861 -19.22 5.03 -22.84
CA GLU A 861 -20.33 5.27 -23.75
C GLU A 861 -19.80 5.99 -24.99
N GLN A 862 -18.50 6.32 -24.93
CA GLN A 862 -17.80 6.98 -26.02
C GLN A 862 -18.28 8.40 -26.26
N GLN A 863 -17.39 9.36 -26.03
CA GLN A 863 -17.71 10.77 -26.21
C GLN A 863 -17.33 11.26 -27.60
ZN ZN B . 0.45 -3.14 -4.19
MG MG C . 0.97 -6.83 -5.59
C26 WAN D . -3.09 -5.83 -9.29
C25 WAN D . -4.06 -4.96 -10.09
C24 WAN D . -5.09 -4.31 -9.18
C23 WAN D . -5.42 -2.89 -9.64
C18 WAN D . -6.12 -2.54 -10.79
N17 WAN D . -6.69 -3.22 -11.78
N22 WAN D . -5.11 -1.76 -9.02
N20 WAN D . -5.53 -0.79 -9.65
C21 WAN D . -5.37 0.62 -9.20
C19 WAN D . -6.17 -1.14 -10.75
C15 WAN D . -6.82 -0.47 -11.77
O16 WAN D . -6.90 0.76 -11.77
N14 WAN D . -7.41 -1.20 -12.80
C13 WAN D . -7.34 -2.60 -12.78
C12 WAN D . -7.95 -3.34 -13.79
C6 WAN D . -8.74 -4.40 -13.62
C5 WAN D . -9.26 -4.90 -14.74
S2 WAN D . -10.39 -6.24 -14.82
O3 WAN D . -11.03 -6.42 -13.47
O4 WAN D . -9.66 -7.48 -15.21
N1 WAN D . -11.53 -5.89 -15.92
S7 WAN D . -8.72 -4.02 -16.10
C8 WAN D . -7.79 -2.95 -15.12
O9 WAN D . -7.05 -1.91 -15.56
C10 WAN D . -7.41 -1.57 -16.91
C11 WAN D . -6.36 -0.62 -17.48
#